data_8HYH
#
_entry.id   8HYH
#
_cell.length_a   149.621
_cell.length_b   149.621
_cell.length_c   137.394
_cell.angle_alpha   90.00
_cell.angle_beta   90.00
_cell.angle_gamma   120.00
#
_symmetry.space_group_name_H-M   'P 63 2 2'
#
loop_
_entity.id
_entity.type
_entity.pdbx_description
1 polymer 'Alanine dehydrogenase'
2 non-polymer NICOTINAMIDE-ADENINE-DINUCLEOTIDE
3 non-polymer 1,2-ETHANEDIOL
4 non-polymer 'PYRUVIC ACID'
5 water water
#
_entity_poly.entity_id   1
_entity_poly.type   'polypeptide(L)'
_entity_poly.pdbx_seq_one_letter_code
;MIIGVPKEIKNNENRVAITPAGVLSFVQAGHTVLIEKEAGVGSGFNDSDYARAGAQIIERAEDVWAQADMVMKVKEPLPS
EYRFFRPGLVLFTYLHLAADPELTRVLKESGVIAIAYETVQVGRTLPLLTPMSEVAGRMAAQIGAQFLEKPYGGKGILLG
GVPGVARGKVVIIGGGVVGTNAAKVAVGLGADVTIIDLNADRLRELDDIFGNQITTLMSNPMNIAEAVAEADLVIGAVLI
PGARAPKLVTEDMVKAMKPGSVIVDVAIDQGGIVETSDHVTTHDNPTYVKHGVVHYAVANMPGAVPRTSTIALTNVTIPY
ALQIANKGVMQAITDNPALELGVNVANGEITYEAVARDLGYRYVPAREALGKTLAAN
;
_entity_poly.pdbx_strand_id   A
#
# COMPACT_ATOMS: atom_id res chain seq x y z
N MET A 1 0.15 -2.65 28.57
CA MET A 1 -0.44 -3.50 27.54
C MET A 1 0.66 -4.43 26.99
N ILE A 2 0.25 -5.58 26.46
CA ILE A 2 1.18 -6.54 25.79
C ILE A 2 0.82 -6.47 24.30
N ILE A 3 1.84 -6.26 23.45
CA ILE A 3 1.65 -6.14 21.99
C ILE A 3 2.37 -7.34 21.40
N GLY A 4 1.77 -7.94 20.38
CA GLY A 4 2.34 -9.11 19.74
C GLY A 4 2.41 -8.90 18.24
N VAL A 5 3.50 -9.38 17.63
CA VAL A 5 3.68 -9.21 16.17
C VAL A 5 4.12 -10.56 15.70
N PRO A 6 3.19 -11.28 15.11
CA PRO A 6 3.52 -12.49 14.40
C PRO A 6 4.24 -12.22 13.09
N LYS A 7 4.91 -13.25 12.61
CA LYS A 7 5.43 -13.30 11.24
C LYS A 7 4.22 -13.32 10.32
N GLU A 8 4.30 -12.57 9.24
CA GLU A 8 3.32 -12.56 8.15
C GLU A 8 3.42 -13.90 7.49
N ILE A 9 2.29 -14.46 7.08
CA ILE A 9 2.29 -15.84 6.52
C ILE A 9 1.76 -15.81 5.10
N LYS A 10 1.23 -14.69 4.59
CA LYS A 10 0.79 -14.76 3.17
C LYS A 10 2.01 -15.03 2.30
N ASN A 11 1.76 -15.50 1.08
CA ASN A 11 2.82 -16.01 0.22
C ASN A 11 3.79 -14.87 -0.04
N ASN A 12 5.07 -15.03 0.33
CA ASN A 12 6.18 -14.11 -0.03
C ASN A 12 6.01 -12.73 0.61
N GLU A 13 5.26 -12.65 1.70
CA GLU A 13 5.05 -11.38 2.39
C GLU A 13 6.27 -11.21 3.30
N ASN A 14 7.14 -10.24 3.00
CA ASN A 14 8.40 -10.10 3.78
C ASN A 14 8.36 -8.91 4.72
N ARG A 15 7.25 -8.17 4.74
CA ARG A 15 7.18 -7.01 5.64
C ARG A 15 6.82 -7.54 7.02
N VAL A 16 6.72 -6.65 7.96
CA VAL A 16 6.56 -7.01 9.38
C VAL A 16 6.03 -5.73 10.02
N ALA A 17 5.24 -5.83 11.06
CA ALA A 17 4.38 -4.73 11.54
C ALA A 17 5.08 -3.99 12.66
N ILE A 18 6.32 -4.36 12.96
CA ILE A 18 7.14 -3.59 13.94
C ILE A 18 8.63 -3.79 13.62
N THR A 19 9.42 -2.79 14.01
CA THR A 19 10.90 -2.77 13.95
C THR A 19 11.42 -2.57 15.36
N PRO A 20 12.71 -2.86 15.60
CA PRO A 20 13.33 -2.55 16.88
C PRO A 20 13.00 -1.14 17.35
N ALA A 21 12.98 -0.19 16.41
CA ALA A 21 12.62 1.21 16.71
C ALA A 21 11.23 1.24 17.34
N GLY A 22 10.24 0.57 16.72
CA GLY A 22 8.90 0.40 17.30
C GLY A 22 8.96 -0.29 18.67
N VAL A 23 9.64 -1.43 18.76
CA VAL A 23 9.72 -2.13 20.06
C VAL A 23 10.16 -1.14 21.14
N LEU A 24 11.25 -0.42 20.87
CA LEU A 24 11.79 0.52 21.88
C LEU A 24 10.75 1.59 22.23
N SER A 25 9.97 2.14 21.29
CA SER A 25 8.90 3.12 21.63
C SER A 25 7.97 2.50 22.68
N PHE A 26 7.47 1.28 22.44
CA PHE A 26 6.53 0.55 23.35
C PHE A 26 7.20 0.30 24.70
N VAL A 27 8.42 -0.27 24.72
CA VAL A 27 9.12 -0.62 26.00
C VAL A 27 9.35 0.63 26.84
N GLN A 28 9.71 1.76 26.23
CA GLN A 28 10.02 3.00 26.99
C GLN A 28 8.74 3.50 27.67
N ALA A 29 7.57 3.27 27.09
CA ALA A 29 6.25 3.75 27.60
C ALA A 29 5.57 2.71 28.51
N GLY A 30 6.32 1.70 28.97
CA GLY A 30 5.86 0.74 29.99
C GLY A 30 5.36 -0.59 29.45
N HIS A 31 5.41 -0.85 28.15
CA HIS A 31 4.66 -1.97 27.54
C HIS A 31 5.60 -3.14 27.32
N THR A 32 5.00 -4.26 26.94
CA THR A 32 5.71 -5.51 26.67
C THR A 32 5.46 -5.82 25.21
N VAL A 33 6.48 -6.26 24.51
CA VAL A 33 6.30 -6.60 23.08
C VAL A 33 6.78 -8.03 22.90
N LEU A 34 5.99 -8.79 22.15
CA LEU A 34 6.33 -10.17 21.78
C LEU A 34 6.46 -10.20 20.30
N ILE A 35 7.48 -10.92 19.84
CA ILE A 35 7.77 -11.08 18.41
C ILE A 35 7.98 -12.55 18.15
N GLU A 36 7.31 -13.10 17.15
CA GLU A 36 7.50 -14.48 16.78
C GLU A 36 8.85 -14.62 16.09
N LYS A 37 9.42 -15.82 16.11
CA LYS A 37 10.71 -16.05 15.49
C LYS A 37 10.62 -15.78 14.00
N GLU A 38 11.67 -15.15 13.47
CA GLU A 38 11.81 -14.76 12.06
C GLU A 38 10.76 -13.78 11.55
N ALA A 39 10.10 -13.07 12.46
CA ALA A 39 9.05 -12.10 12.02
C ALA A 39 9.68 -11.04 11.09
N GLY A 40 10.82 -10.45 11.49
CA GLY A 40 11.51 -9.31 10.85
C GLY A 40 12.46 -9.69 9.73
N VAL A 41 12.75 -10.97 9.56
CA VAL A 41 13.92 -11.41 8.76
C VAL A 41 13.69 -11.10 7.28
N GLY A 42 12.47 -11.13 6.78
CA GLY A 42 12.25 -10.77 5.37
C GLY A 42 12.56 -9.30 5.10
N SER A 43 12.57 -8.50 6.16
CA SER A 43 12.82 -7.04 6.15
C SER A 43 14.23 -6.76 6.70
N GLY A 44 15.04 -7.81 6.90
CA GLY A 44 16.44 -7.79 7.41
C GLY A 44 16.55 -7.31 8.86
N PHE A 45 15.50 -7.45 9.67
CA PHE A 45 15.58 -7.34 11.16
C PHE A 45 15.56 -8.73 11.81
N ASN A 46 16.59 -9.06 12.58
CA ASN A 46 16.78 -10.39 13.20
C ASN A 46 16.20 -10.41 14.62
N ASP A 47 15.94 -11.62 15.14
CA ASP A 47 15.42 -11.80 16.52
C ASP A 47 16.37 -11.03 17.44
N SER A 48 17.71 -11.15 17.29
CA SER A 48 18.67 -10.44 18.19
C SER A 48 18.37 -8.93 18.22
N ASP A 49 18.08 -8.31 17.06
CA ASP A 49 17.75 -6.85 16.96
C ASP A 49 16.52 -6.55 17.82
N TYR A 50 15.44 -7.34 17.68
CA TYR A 50 14.19 -7.11 18.46
C TYR A 50 14.49 -7.31 19.94
N ALA A 51 15.20 -8.39 20.28
CA ALA A 51 15.60 -8.70 21.69
C ALA A 51 16.42 -7.53 22.27
N ARG A 52 17.42 -7.06 21.53
CA ARG A 52 18.26 -5.91 21.98
C ARG A 52 17.36 -4.69 22.22
N ALA A 53 16.26 -4.48 21.48
CA ALA A 53 15.35 -3.33 21.71
C ALA A 53 14.44 -3.54 22.92
N GLY A 54 14.34 -4.78 23.41
CA GLY A 54 13.68 -5.08 24.69
C GLY A 54 12.43 -5.94 24.52
N ALA A 55 12.31 -6.64 23.39
CA ALA A 55 11.17 -7.52 23.05
C ALA A 55 11.47 -8.93 23.53
N GLN A 56 10.43 -9.71 23.81
CA GLN A 56 10.57 -11.19 23.97
C GLN A 56 10.33 -11.84 22.61
N ILE A 57 11.22 -12.78 22.30
CA ILE A 57 11.15 -13.66 21.09
C ILE A 57 10.36 -14.91 21.47
N ILE A 58 9.31 -15.21 20.72
CA ILE A 58 8.31 -16.28 21.00
C ILE A 58 8.38 -17.31 19.86
N GLU A 59 8.60 -18.57 20.21
CA GLU A 59 8.77 -19.73 19.32
C GLU A 59 7.57 -19.85 18.36
N ARG A 60 6.35 -19.80 18.88
CA ARG A 60 5.15 -20.26 18.13
C ARG A 60 4.20 -19.08 17.91
N ALA A 61 3.74 -18.92 16.68
CA ALA A 61 2.71 -17.92 16.33
C ALA A 61 1.66 -17.87 17.46
N GLU A 62 1.08 -19.03 17.76
CA GLU A 62 -0.07 -19.22 18.68
C GLU A 62 0.20 -18.48 19.99
N ASP A 63 1.39 -18.59 20.56
CA ASP A 63 1.67 -18.00 21.91
C ASP A 63 1.75 -16.48 21.82
N VAL A 64 2.06 -15.93 20.64
CA VAL A 64 2.15 -14.46 20.46
C VAL A 64 0.73 -13.91 20.51
N TRP A 65 -0.13 -14.44 19.65
CA TRP A 65 -1.55 -14.04 19.61
C TRP A 65 -2.26 -14.28 20.95
N ALA A 66 -1.98 -15.39 21.66
CA ALA A 66 -2.64 -15.74 22.95
C ALA A 66 -2.14 -14.81 24.04
N GLN A 67 -0.85 -14.50 24.11
CA GLN A 67 -0.36 -13.76 25.31
C GLN A 67 -0.61 -12.25 25.13
N ALA A 68 -0.93 -11.76 23.93
CA ALA A 68 -0.99 -10.31 23.59
C ALA A 68 -2.38 -9.71 23.81
N ASP A 69 -2.47 -8.48 24.33
CA ASP A 69 -3.72 -7.67 24.29
C ASP A 69 -4.05 -7.20 22.87
N MET A 70 -3.02 -6.80 22.11
CA MET A 70 -3.17 -6.27 20.72
C MET A 70 -2.14 -6.97 19.84
N VAL A 71 -2.60 -7.47 18.71
CA VAL A 71 -1.73 -8.04 17.66
C VAL A 71 -1.61 -6.98 16.56
N MET A 72 -0.40 -6.70 16.10
CA MET A 72 -0.23 -5.83 14.90
C MET A 72 0.29 -6.67 13.75
N LYS A 73 -0.25 -6.46 12.58
CA LYS A 73 0.20 -7.14 11.36
C LYS A 73 0.28 -6.14 10.19
N VAL A 74 0.64 -6.67 9.06
CA VAL A 74 0.60 -5.96 7.78
C VAL A 74 -0.60 -6.48 7.01
N LYS A 75 -0.71 -7.79 6.81
CA LYS A 75 -1.86 -8.30 6.01
C LYS A 75 -3.04 -8.71 6.88
N GLU A 76 -4.13 -9.10 6.21
CA GLU A 76 -5.35 -9.62 6.88
C GLU A 76 -5.03 -11.00 7.46
N PRO A 77 -5.61 -11.36 8.62
CA PRO A 77 -5.52 -12.76 9.09
C PRO A 77 -6.00 -13.72 8.00
N LEU A 78 -5.24 -14.78 7.73
CA LEU A 78 -5.76 -15.86 6.85
C LEU A 78 -6.66 -16.79 7.69
N PRO A 79 -7.59 -17.56 7.06
CA PRO A 79 -8.32 -18.67 7.72
C PRO A 79 -7.50 -19.49 8.73
N SER A 80 -6.25 -19.83 8.34
CA SER A 80 -5.28 -20.56 9.22
C SER A 80 -5.02 -19.79 10.51
N GLU A 81 -5.47 -18.55 10.61
CA GLU A 81 -5.22 -17.73 11.83
C GLU A 81 -6.52 -17.45 12.56
N TYR A 82 -7.70 -17.82 12.00
CA TYR A 82 -9.01 -17.55 12.67
C TYR A 82 -8.98 -18.16 14.09
N ARG A 83 -8.31 -19.30 14.25
CA ARG A 83 -8.10 -20.07 15.52
C ARG A 83 -7.57 -19.21 16.68
N PHE A 84 -6.82 -18.15 16.35
CA PHE A 84 -6.11 -17.31 17.34
C PHE A 84 -7.00 -16.15 17.76
N PHE A 85 -8.09 -15.89 17.02
CA PHE A 85 -9.05 -14.83 17.41
C PHE A 85 -9.66 -15.18 18.77
N ARG A 86 -10.23 -14.18 19.42
CA ARG A 86 -10.75 -14.32 20.81
C ARG A 86 -11.52 -13.04 21.09
N PRO A 87 -12.52 -13.03 21.98
CA PRO A 87 -13.26 -11.82 22.24
C PRO A 87 -12.35 -10.79 22.95
N GLY A 88 -12.44 -9.50 22.61
CA GLY A 88 -11.64 -8.42 23.26
C GLY A 88 -10.21 -8.27 22.71
N LEU A 89 -9.78 -9.15 21.80
CA LEU A 89 -8.47 -9.07 21.11
C LEU A 89 -8.53 -7.83 20.23
N VAL A 90 -7.46 -7.02 20.27
CA VAL A 90 -7.30 -5.93 19.28
C VAL A 90 -6.40 -6.42 18.17
N LEU A 91 -6.87 -6.29 16.95
CA LEU A 91 -6.09 -6.60 15.74
C LEU A 91 -5.90 -5.27 15.01
N PHE A 92 -4.65 -4.86 14.71
CA PHE A 92 -4.32 -3.61 13.98
C PHE A 92 -3.54 -4.01 12.74
N THR A 93 -4.11 -3.83 11.57
CA THR A 93 -3.48 -4.29 10.32
C THR A 93 -4.25 -3.73 9.12
N TYR A 94 -3.81 -4.07 7.92
CA TYR A 94 -4.54 -3.77 6.68
C TYR A 94 -5.64 -4.85 6.54
N LEU A 95 -6.93 -4.44 6.45
CA LEU A 95 -8.12 -5.37 6.55
C LEU A 95 -8.86 -5.50 5.22
N HIS A 96 -9.17 -4.41 4.54
CA HIS A 96 -9.90 -4.40 3.25
C HIS A 96 -11.26 -5.14 3.41
N LEU A 97 -11.98 -4.86 4.51
CA LEU A 97 -13.19 -5.62 4.95
C LEU A 97 -14.33 -5.52 3.93
N ALA A 98 -14.50 -4.35 3.31
CA ALA A 98 -15.55 -4.13 2.28
C ALA A 98 -15.42 -5.17 1.18
N ALA A 99 -14.26 -5.78 0.98
CA ALA A 99 -14.05 -6.75 -0.14
C ALA A 99 -13.82 -8.17 0.40
N ASP A 100 -14.00 -8.36 1.71
CA ASP A 100 -13.79 -9.66 2.43
C ASP A 100 -14.99 -9.90 3.35
N PRO A 101 -16.15 -10.28 2.75
CA PRO A 101 -17.38 -10.57 3.50
C PRO A 101 -17.10 -11.64 4.57
N GLU A 102 -16.40 -12.69 4.16
CA GLU A 102 -16.04 -13.77 5.07
C GLU A 102 -15.15 -13.35 6.25
N LEU A 103 -14.07 -12.61 6.03
CA LEU A 103 -13.18 -12.23 7.15
C LEU A 103 -14.03 -11.38 8.11
N THR A 104 -14.79 -10.44 7.57
CA THR A 104 -15.61 -9.55 8.39
C THR A 104 -16.54 -10.33 9.30
N ARG A 105 -17.18 -11.36 8.75
CA ARG A 105 -18.10 -12.18 9.50
C ARG A 105 -17.44 -12.90 10.66
N VAL A 106 -16.24 -13.42 10.44
CA VAL A 106 -15.52 -14.13 11.48
C VAL A 106 -14.98 -13.19 12.55
N LEU A 107 -14.59 -11.99 12.15
CA LEU A 107 -14.07 -10.98 13.10
C LEU A 107 -15.23 -10.53 13.99
N LYS A 108 -16.36 -10.20 13.34
CA LYS A 108 -17.62 -9.79 14.03
C LYS A 108 -17.98 -10.87 15.07
N GLU A 109 -18.21 -12.09 14.60
CA GLU A 109 -18.75 -13.17 15.45
C GLU A 109 -17.67 -13.67 16.42
N SER A 110 -16.35 -13.44 16.18
CA SER A 110 -15.27 -13.88 17.13
C SER A 110 -15.08 -12.86 18.28
N GLY A 111 -15.75 -11.69 18.23
CA GLY A 111 -15.63 -10.65 19.28
C GLY A 111 -14.35 -9.80 19.17
N VAL A 112 -13.73 -9.74 17.98
CA VAL A 112 -12.42 -9.04 17.77
C VAL A 112 -12.70 -7.53 17.67
N ILE A 113 -11.91 -6.68 18.33
CA ILE A 113 -11.81 -5.23 17.94
C ILE A 113 -10.80 -5.13 16.80
N ALA A 114 -11.28 -4.98 15.57
CA ALA A 114 -10.48 -4.98 14.34
C ALA A 114 -10.31 -3.53 13.84
N ILE A 115 -9.07 -3.02 13.82
CA ILE A 115 -8.70 -1.63 13.40
C ILE A 115 -7.94 -1.72 12.07
N ALA A 116 -8.46 -1.07 11.04
CA ALA A 116 -7.92 -1.09 9.67
C ALA A 116 -6.96 0.10 9.47
N TYR A 117 -5.69 -0.17 9.12
CA TYR A 117 -4.70 0.89 8.80
C TYR A 117 -5.34 1.81 7.75
N GLU A 118 -5.96 1.21 6.74
CA GLU A 118 -6.39 1.92 5.52
C GLU A 118 -7.63 2.79 5.73
N THR A 119 -8.23 2.88 6.93
CA THR A 119 -9.44 3.76 7.14
C THR A 119 -9.17 4.79 8.23
N VAL A 120 -8.01 4.71 8.86
CA VAL A 120 -7.57 5.86 9.68
C VAL A 120 -7.48 7.04 8.72
N GLN A 121 -8.06 8.18 9.07
CA GLN A 121 -8.08 9.29 8.14
C GLN A 121 -8.17 10.66 8.76
N VAL A 122 -7.32 11.54 8.24
CA VAL A 122 -7.29 12.92 8.64
C VAL A 122 -7.69 13.62 7.36
N GLY A 123 -8.76 14.41 7.42
CA GLY A 123 -9.25 15.12 6.26
C GLY A 123 -9.49 14.21 5.07
N ARG A 124 -8.88 14.54 3.95
CA ARG A 124 -9.04 13.78 2.72
C ARG A 124 -7.96 12.70 2.52
N THR A 125 -7.07 12.57 3.49
CA THR A 125 -6.00 11.60 3.37
C THR A 125 -6.03 10.44 4.36
N LEU A 126 -5.46 9.32 3.97
CA LEU A 126 -5.35 8.16 4.85
C LEU A 126 -3.87 8.07 5.15
N PRO A 127 -3.46 8.49 6.34
CA PRO A 127 -2.05 8.53 6.74
C PRO A 127 -1.35 7.18 6.91
N LEU A 128 -2.07 6.08 6.96
CA LEU A 128 -1.38 4.78 7.16
C LEU A 128 -1.38 4.06 5.86
N LEU A 129 -1.99 4.64 4.83
CA LEU A 129 -1.86 4.14 3.44
C LEU A 129 -0.80 4.95 2.65
N THR A 130 -0.62 6.23 2.96
CA THR A 130 0.37 7.12 2.30
C THR A 130 1.73 6.44 2.08
N PRO A 131 2.37 5.84 3.10
CA PRO A 131 3.67 5.21 2.91
C PRO A 131 3.69 4.17 1.77
N MET A 132 2.67 3.33 1.64
CA MET A 132 2.73 2.33 0.53
C MET A 132 2.48 3.03 -0.80
N SER A 133 1.71 4.13 -0.82
CA SER A 133 1.51 4.89 -2.08
C SER A 133 2.85 5.45 -2.57
N GLU A 134 3.59 6.08 -1.65
CA GLU A 134 4.93 6.65 -1.87
C GLU A 134 5.86 5.57 -2.40
N VAL A 135 5.95 4.46 -1.66
CA VAL A 135 6.84 3.34 -2.10
C VAL A 135 6.40 2.86 -3.50
N ALA A 136 5.10 2.65 -3.68
CA ALA A 136 4.56 2.21 -4.96
C ALA A 136 4.97 3.09 -6.13
N GLY A 137 4.85 4.40 -5.97
CA GLY A 137 5.23 5.36 -7.04
C GLY A 137 6.72 5.35 -7.35
N ARG A 138 7.56 5.41 -6.31
CA ARG A 138 9.04 5.20 -6.46
C ARG A 138 9.30 3.88 -7.24
N MET A 139 8.68 2.79 -6.85
CA MET A 139 8.89 1.49 -7.53
C MET A 139 8.44 1.55 -9.00
N ALA A 140 7.32 2.20 -9.32
CA ALA A 140 6.71 2.11 -10.67
C ALA A 140 7.71 2.54 -11.74
N ALA A 141 8.50 3.56 -11.46
CA ALA A 141 9.42 4.12 -12.49
C ALA A 141 10.59 3.15 -12.62
N GLN A 142 11.05 2.62 -11.52
CA GLN A 142 12.15 1.61 -11.50
C GLN A 142 11.71 0.35 -12.30
N ILE A 143 10.47 -0.14 -12.07
CA ILE A 143 9.94 -1.38 -12.73
C ILE A 143 9.76 -1.03 -14.19
N GLY A 144 9.21 0.15 -14.45
CA GLY A 144 9.09 0.61 -15.84
C GLY A 144 10.41 0.53 -16.56
N ALA A 145 11.47 1.08 -15.97
CA ALA A 145 12.82 1.03 -16.58
C ALA A 145 13.23 -0.44 -16.83
N GLN A 146 13.10 -1.33 -15.85
CA GLN A 146 13.44 -2.75 -16.02
C GLN A 146 12.71 -3.35 -17.24
N PHE A 147 11.39 -3.17 -17.38
CA PHE A 147 10.58 -3.84 -18.43
C PHE A 147 10.80 -3.15 -19.77
N LEU A 148 11.51 -2.05 -19.78
CA LEU A 148 11.95 -1.45 -21.06
C LEU A 148 13.25 -2.14 -21.52
N GLU A 149 13.83 -2.97 -20.66
CA GLU A 149 15.02 -3.80 -21.12
C GLU A 149 14.53 -4.92 -22.07
N LYS A 150 15.21 -5.14 -23.19
CA LYS A 150 14.82 -6.16 -24.21
C LYS A 150 14.62 -7.53 -23.57
N PRO A 151 15.49 -8.00 -22.66
CA PRO A 151 15.25 -9.31 -22.06
C PRO A 151 13.92 -9.47 -21.30
N TYR A 152 13.22 -8.37 -20.96
CA TYR A 152 11.99 -8.44 -20.15
C TYR A 152 10.78 -8.11 -21.05
N GLY A 153 11.05 -7.95 -22.36
CA GLY A 153 10.06 -7.81 -23.44
C GLY A 153 10.05 -6.42 -24.04
N GLY A 154 10.75 -5.47 -23.43
CA GLY A 154 10.74 -4.06 -23.84
C GLY A 154 11.55 -3.83 -25.10
N LYS A 155 11.35 -2.69 -25.72
CA LYS A 155 12.00 -2.25 -26.96
C LYS A 155 13.50 -2.01 -26.74
N GLY A 156 14.00 -2.05 -25.51
CA GLY A 156 15.46 -2.02 -25.28
C GLY A 156 16.04 -0.61 -25.29
N ILE A 157 15.53 0.27 -24.43
CA ILE A 157 16.13 1.63 -24.25
C ILE A 157 16.42 1.91 -22.79
N LEU A 158 17.31 2.87 -22.59
CA LEU A 158 17.48 3.60 -21.31
C LEU A 158 16.56 4.81 -21.38
N LEU A 159 15.82 5.06 -20.31
CA LEU A 159 14.97 6.28 -20.19
C LEU A 159 15.82 7.54 -20.36
N GLY A 160 17.06 7.48 -19.86
CA GLY A 160 17.99 8.62 -19.92
C GLY A 160 18.72 8.73 -21.22
N GLY A 161 18.58 7.76 -22.13
CA GLY A 161 19.45 7.74 -23.32
C GLY A 161 20.92 7.73 -22.93
N VAL A 162 21.79 8.24 -23.80
CA VAL A 162 23.21 8.59 -23.50
C VAL A 162 23.49 9.77 -24.40
N PRO A 163 24.63 10.45 -24.26
CA PRO A 163 24.88 11.66 -25.02
C PRO A 163 24.75 11.42 -26.51
N GLY A 164 23.93 12.24 -27.15
CA GLY A 164 23.74 12.15 -28.60
C GLY A 164 22.54 11.26 -28.93
N VAL A 165 21.90 10.64 -27.93
CA VAL A 165 20.72 9.76 -28.16
C VAL A 165 19.51 10.33 -27.41
N ALA A 166 18.34 10.36 -28.04
CA ALA A 166 17.10 10.90 -27.44
C ALA A 166 16.77 10.19 -26.12
N ARG A 167 16.07 10.87 -25.21
CA ARG A 167 15.58 10.26 -23.93
C ARG A 167 14.27 9.52 -24.19
N GLY A 168 13.95 8.58 -23.32
CA GLY A 168 12.61 7.99 -23.25
C GLY A 168 11.56 8.93 -22.72
N LYS A 169 10.31 8.72 -23.16
CA LYS A 169 9.11 9.48 -22.75
C LYS A 169 8.35 8.71 -21.68
N VAL A 170 8.28 9.29 -20.50
CA VAL A 170 7.46 8.71 -19.44
C VAL A 170 6.20 9.58 -19.30
N VAL A 171 5.03 8.97 -19.42
CA VAL A 171 3.75 9.63 -19.15
C VAL A 171 3.17 9.02 -17.90
N ILE A 172 3.01 9.85 -16.88
CA ILE A 172 2.37 9.52 -15.57
C ILE A 172 0.95 10.11 -15.52
N ILE A 173 -0.07 9.30 -15.27
CA ILE A 173 -1.48 9.75 -15.24
C ILE A 173 -1.90 9.77 -13.77
N GLY A 174 -2.11 10.99 -13.22
CA GLY A 174 -2.35 11.18 -11.79
C GLY A 174 -1.12 11.77 -11.14
N GLY A 175 -1.26 12.95 -10.54
CA GLY A 175 -0.15 13.75 -9.98
C GLY A 175 -0.27 13.86 -8.48
N GLY A 176 -0.91 12.90 -7.82
CA GLY A 176 -0.92 12.88 -6.34
C GLY A 176 0.29 12.14 -5.77
N VAL A 177 0.10 11.45 -4.65
CA VAL A 177 1.20 10.82 -3.90
C VAL A 177 1.89 9.80 -4.79
N VAL A 178 1.14 8.96 -5.47
CA VAL A 178 1.77 7.88 -6.27
C VAL A 178 2.49 8.53 -7.43
N GLY A 179 1.79 9.36 -8.19
CA GLY A 179 2.38 9.95 -9.39
C GLY A 179 3.54 10.87 -9.12
N THR A 180 3.45 11.65 -8.06
CA THR A 180 4.52 12.63 -7.73
C THR A 180 5.77 11.82 -7.35
N ASN A 181 5.61 10.74 -6.63
CA ASN A 181 6.76 9.87 -6.23
C ASN A 181 7.29 9.19 -7.49
N ALA A 182 6.45 8.79 -8.42
CA ALA A 182 6.98 8.19 -9.65
C ALA A 182 7.77 9.27 -10.43
N ALA A 183 7.25 10.50 -10.53
CA ALA A 183 7.90 11.53 -11.37
C ALA A 183 9.33 11.79 -10.85
N LYS A 184 9.53 11.81 -9.54
CA LYS A 184 10.89 12.02 -8.93
C LYS A 184 11.86 10.98 -9.49
N VAL A 185 11.46 9.72 -9.49
CA VAL A 185 12.35 8.65 -9.99
C VAL A 185 12.47 8.73 -11.51
N ALA A 186 11.41 9.03 -12.23
CA ALA A 186 11.48 9.03 -13.70
C ALA A 186 12.36 10.20 -14.16
N VAL A 187 12.26 11.35 -13.52
CA VAL A 187 13.16 12.50 -13.83
C VAL A 187 14.61 12.08 -13.49
N GLY A 188 14.82 11.45 -12.35
CA GLY A 188 16.15 10.97 -11.94
C GLY A 188 16.72 9.96 -12.91
N LEU A 189 15.91 9.19 -13.66
CA LEU A 189 16.45 8.23 -14.64
C LEU A 189 16.76 8.95 -15.92
N GLY A 190 16.43 10.23 -16.00
CA GLY A 190 16.78 11.03 -17.20
C GLY A 190 15.69 11.00 -18.26
N ALA A 191 14.47 10.60 -17.92
CA ALA A 191 13.34 10.58 -18.91
C ALA A 191 12.83 12.00 -19.22
N ASP A 192 12.21 12.20 -20.40
CA ASP A 192 11.23 13.30 -20.61
C ASP A 192 9.95 12.81 -19.91
N VAL A 193 9.59 13.50 -18.84
CA VAL A 193 8.43 13.15 -18.03
C VAL A 193 7.28 14.14 -18.13
N THR A 194 6.10 13.60 -18.37
CA THR A 194 4.89 14.40 -18.44
C THR A 194 3.94 13.88 -17.37
N ILE A 195 3.41 14.78 -16.55
CA ILE A 195 2.46 14.40 -15.52
C ILE A 195 1.09 14.94 -15.91
N ILE A 196 0.12 14.04 -16.03
CA ILE A 196 -1.26 14.40 -16.42
C ILE A 196 -2.09 14.41 -15.15
N ASP A 197 -2.85 15.49 -14.93
CA ASP A 197 -3.82 15.57 -13.80
C ASP A 197 -5.05 16.40 -14.22
N LEU A 198 -6.20 15.99 -13.70
CA LEU A 198 -7.50 16.71 -13.83
C LEU A 198 -7.41 18.09 -13.18
N ASN A 199 -6.67 18.16 -12.09
CA ASN A 199 -6.76 19.33 -11.20
C ASN A 199 -5.66 20.34 -11.51
N ALA A 200 -6.05 21.45 -12.11
CA ALA A 200 -5.09 22.48 -12.54
C ALA A 200 -4.29 23.03 -11.35
N ASP A 201 -4.87 23.11 -10.14
CA ASP A 201 -4.07 23.57 -8.98
C ASP A 201 -2.99 22.53 -8.68
N ARG A 202 -3.27 21.24 -8.87
CA ARG A 202 -2.22 20.26 -8.55
C ARG A 202 -1.13 20.43 -9.60
N LEU A 203 -1.48 20.71 -10.84
CA LEU A 203 -0.47 20.91 -11.89
C LEU A 203 0.37 22.15 -11.53
N ARG A 204 -0.21 23.20 -11.00
CA ARG A 204 0.54 24.42 -10.57
C ARG A 204 1.51 24.05 -9.44
N GLU A 205 1.09 23.20 -8.52
CA GLU A 205 1.93 22.76 -7.37
C GLU A 205 3.08 21.95 -7.92
N LEU A 206 2.81 21.11 -8.92
CA LEU A 206 3.87 20.25 -9.51
C LEU A 206 4.83 21.18 -10.27
N ASP A 207 4.33 22.24 -10.88
CA ASP A 207 5.22 23.15 -11.62
C ASP A 207 6.12 23.88 -10.63
N ASP A 208 5.65 24.17 -9.42
CA ASP A 208 6.47 24.82 -8.37
C ASP A 208 7.44 23.80 -7.79
N ILE A 209 7.09 22.52 -7.70
CA ILE A 209 8.03 21.51 -7.15
C ILE A 209 9.12 21.20 -8.18
N PHE A 210 8.72 20.91 -9.41
CA PHE A 210 9.57 20.26 -10.46
C PHE A 210 10.20 21.30 -11.37
N GLY A 211 9.54 22.44 -11.55
CA GLY A 211 9.95 23.42 -12.57
C GLY A 211 10.01 22.79 -13.96
N ASN A 212 11.04 23.17 -14.64
CA ASN A 212 11.37 22.75 -16.02
C ASN A 212 11.71 21.25 -16.03
N GLN A 213 11.79 20.55 -14.91
CA GLN A 213 12.20 19.11 -14.95
C GLN A 213 11.09 18.23 -15.54
N ILE A 214 9.87 18.74 -15.61
CA ILE A 214 8.71 18.02 -16.22
C ILE A 214 7.89 18.93 -17.12
N THR A 215 6.94 18.29 -17.80
CA THR A 215 5.77 18.84 -18.49
C THR A 215 4.55 18.45 -17.71
N THR A 216 3.73 19.44 -17.33
CA THR A 216 2.38 19.23 -16.73
C THR A 216 1.37 19.36 -17.85
N LEU A 217 0.38 18.48 -17.87
CA LEU A 217 -0.63 18.36 -18.93
C LEU A 217 -1.99 18.19 -18.28
N MET A 218 -2.94 19.03 -18.65
CA MET A 218 -4.34 18.84 -18.18
C MET A 218 -4.87 17.49 -18.68
N SER A 219 -5.60 16.82 -17.84
CA SER A 219 -6.23 15.52 -18.15
C SER A 219 -7.51 15.75 -18.96
N ASN A 220 -7.52 15.30 -20.21
CA ASN A 220 -8.74 15.05 -21.00
C ASN A 220 -8.42 13.98 -22.04
N PRO A 221 -9.43 13.34 -22.67
CA PRO A 221 -9.16 12.14 -23.46
C PRO A 221 -8.21 12.41 -24.63
N MET A 222 -8.21 13.59 -25.20
CA MET A 222 -7.31 13.84 -26.35
C MET A 222 -5.86 14.01 -25.81
N ASN A 223 -5.68 14.66 -24.67
CA ASN A 223 -4.33 14.92 -24.10
C ASN A 223 -3.74 13.54 -23.76
N ILE A 224 -4.55 12.66 -23.19
CA ILE A 224 -4.08 11.32 -22.76
C ILE A 224 -3.73 10.50 -24.00
N ALA A 225 -4.60 10.47 -25.00
CA ALA A 225 -4.40 9.68 -26.24
C ALA A 225 -3.07 10.08 -26.88
N GLU A 226 -2.92 11.38 -27.10
CA GLU A 226 -1.74 11.95 -27.75
C GLU A 226 -0.47 11.69 -26.90
N ALA A 227 -0.53 11.85 -25.58
CA ALA A 227 0.62 11.63 -24.67
C ALA A 227 0.97 10.13 -24.65
N VAL A 228 -0.03 9.27 -24.58
CA VAL A 228 0.22 7.83 -24.40
C VAL A 228 0.83 7.27 -25.69
N ALA A 229 0.43 7.80 -26.83
CA ALA A 229 0.94 7.31 -28.13
C ALA A 229 2.44 7.59 -28.20
N GLU A 230 2.89 8.71 -27.66
CA GLU A 230 4.31 9.14 -27.77
C GLU A 230 5.13 8.47 -26.64
N ALA A 231 4.52 7.73 -25.71
CA ALA A 231 5.15 7.31 -24.44
C ALA A 231 5.92 6.00 -24.59
N ASP A 232 7.12 5.90 -24.00
CA ASP A 232 7.91 4.65 -23.94
C ASP A 232 7.37 3.86 -22.75
N LEU A 233 6.98 4.60 -21.72
CA LEU A 233 6.48 4.07 -20.45
C LEU A 233 5.29 4.94 -20.07
N VAL A 234 4.17 4.31 -19.74
CA VAL A 234 2.98 4.94 -19.12
C VAL A 234 2.85 4.40 -17.71
N ILE A 235 2.64 5.29 -16.75
CA ILE A 235 2.42 4.86 -15.34
C ILE A 235 1.01 5.31 -14.96
N GLY A 236 0.14 4.38 -14.60
CA GLY A 236 -1.19 4.71 -14.14
C GLY A 236 -1.00 4.99 -12.66
N ALA A 237 -1.11 6.26 -12.29
CA ALA A 237 -0.92 6.68 -10.91
C ALA A 237 -2.20 7.02 -10.15
N VAL A 238 -3.34 6.64 -10.71
CA VAL A 238 -4.63 6.90 -10.09
C VAL A 238 -5.21 5.64 -9.46
N LEU A 239 -5.17 5.58 -8.14
CA LEU A 239 -5.67 4.41 -7.41
C LEU A 239 -7.19 4.20 -7.59
N ILE A 240 -7.96 5.28 -7.60
CA ILE A 240 -9.39 5.17 -7.77
C ILE A 240 -9.72 4.76 -9.21
N PRO A 246 -15.47 4.24 -16.05
CA PRO A 246 -14.93 4.30 -17.43
C PRO A 246 -13.43 4.67 -17.43
N LYS A 247 -12.66 3.98 -18.29
CA LYS A 247 -11.19 3.80 -18.18
C LYS A 247 -10.50 5.01 -18.84
N LEU A 248 -9.46 5.59 -18.21
CA LEU A 248 -8.74 6.80 -18.73
C LEU A 248 -7.87 6.44 -19.94
N VAL A 249 -7.25 5.25 -19.94
CA VAL A 249 -6.48 4.81 -21.14
C VAL A 249 -7.25 3.67 -21.81
N THR A 250 -7.71 3.89 -23.03
CA THR A 250 -8.56 2.92 -23.76
C THR A 250 -7.65 2.02 -24.62
N GLU A 251 -8.13 0.80 -24.88
CA GLU A 251 -7.54 -0.14 -25.86
C GLU A 251 -7.11 0.60 -27.14
N ASP A 252 -7.89 1.55 -27.64
CA ASP A 252 -7.53 2.23 -28.92
C ASP A 252 -6.27 3.05 -28.69
N MET A 253 -6.16 3.66 -27.50
CA MET A 253 -5.00 4.48 -27.12
C MET A 253 -3.77 3.58 -27.00
N VAL A 254 -3.90 2.44 -26.31
CA VAL A 254 -2.82 1.44 -26.18
C VAL A 254 -2.40 0.93 -27.57
N LYS A 255 -3.37 0.68 -28.45
CA LYS A 255 -3.14 0.20 -29.84
C LYS A 255 -2.27 1.20 -30.59
N ALA A 256 -2.31 2.47 -30.24
CA ALA A 256 -1.56 3.48 -31.02
C ALA A 256 -0.10 3.56 -30.51
N MET A 257 0.19 2.87 -29.40
CA MET A 257 1.54 2.92 -28.77
C MET A 257 2.51 2.12 -29.64
N LYS A 258 3.79 2.42 -29.52
CA LYS A 258 4.91 1.79 -30.27
C LYS A 258 5.23 0.44 -29.63
N PRO A 259 5.50 -0.59 -30.44
CA PRO A 259 5.77 -1.90 -29.86
C PRO A 259 6.96 -1.84 -28.89
N GLY A 260 6.87 -2.60 -27.82
CA GLY A 260 7.93 -2.71 -26.81
C GLY A 260 7.83 -1.62 -25.75
N SER A 261 6.86 -0.70 -25.86
CA SER A 261 6.47 0.21 -24.77
C SER A 261 5.94 -0.59 -23.58
N VAL A 262 5.85 0.08 -22.44
CA VAL A 262 5.54 -0.61 -21.15
C VAL A 262 4.44 0.21 -20.47
N ILE A 263 3.54 -0.48 -19.76
CA ILE A 263 2.46 0.15 -18.96
C ILE A 263 2.52 -0.49 -17.59
N VAL A 264 2.68 0.35 -16.60
CA VAL A 264 2.63 0.01 -15.16
C VAL A 264 1.42 0.77 -14.63
N ASP A 265 0.42 0.05 -14.18
CA ASP A 265 -0.84 0.64 -13.69
C ASP A 265 -0.90 0.28 -12.24
N VAL A 266 -0.84 1.26 -11.38
CA VAL A 266 -0.63 0.98 -9.94
C VAL A 266 -1.96 0.49 -9.36
N ALA A 267 -3.09 0.79 -9.98
CA ALA A 267 -4.41 0.34 -9.48
C ALA A 267 -4.83 -0.99 -10.14
N ILE A 268 -3.87 -1.79 -10.58
CA ILE A 268 -4.15 -3.05 -11.26
C ILE A 268 -5.04 -3.98 -10.42
N ASP A 269 -4.88 -3.92 -9.11
CA ASP A 269 -5.68 -4.72 -8.20
C ASP A 269 -7.15 -4.34 -8.28
N GLN A 270 -7.41 -3.04 -8.42
CA GLN A 270 -8.77 -2.53 -8.51
C GLN A 270 -9.34 -2.41 -9.93
N GLY A 271 -8.76 -3.08 -10.91
CA GLY A 271 -9.31 -3.02 -12.25
C GLY A 271 -8.40 -2.23 -13.16
N GLY A 272 -7.82 -1.19 -12.59
CA GLY A 272 -6.83 -0.28 -13.27
C GLY A 272 -7.49 0.94 -13.88
N ILE A 273 -6.76 1.88 -14.48
CA ILE A 273 -7.29 2.97 -15.37
C ILE A 273 -6.97 2.67 -16.84
N VAL A 274 -6.27 1.57 -17.07
CA VAL A 274 -5.84 1.13 -18.43
C VAL A 274 -6.69 -0.09 -18.75
N GLU A 275 -7.40 -0.06 -19.88
CA GLU A 275 -8.43 -1.07 -20.26
C GLU A 275 -7.70 -2.40 -20.47
N THR A 276 -6.58 -2.38 -21.18
CA THR A 276 -5.80 -3.58 -21.47
C THR A 276 -5.26 -4.27 -20.23
N SER A 277 -5.04 -3.51 -19.15
CA SER A 277 -4.56 -4.11 -17.90
C SER A 277 -5.74 -4.60 -17.09
N ASP A 278 -6.37 -5.69 -17.53
CA ASP A 278 -7.55 -6.24 -16.89
C ASP A 278 -7.27 -7.37 -15.93
N HIS A 279 -6.03 -7.82 -15.87
CA HIS A 279 -5.70 -8.95 -14.94
C HIS A 279 -4.33 -8.75 -14.29
N VAL A 280 -4.18 -9.36 -13.11
CA VAL A 280 -2.96 -9.36 -12.32
C VAL A 280 -2.16 -10.65 -12.59
N THR A 281 -0.86 -10.62 -12.29
CA THR A 281 0.04 -11.76 -12.51
C THR A 281 1.07 -11.92 -11.37
N THR A 282 1.74 -13.07 -11.34
CA THR A 282 2.73 -13.37 -10.29
C THR A 282 4.16 -12.93 -10.66
N HIS A 283 5.06 -12.96 -9.67
CA HIS A 283 6.48 -12.54 -9.89
C HIS A 283 7.11 -13.36 -11.03
N ASP A 284 6.81 -14.67 -11.15
CA ASP A 284 7.43 -15.62 -12.12
C ASP A 284 6.89 -15.41 -13.54
N ASN A 285 5.66 -14.87 -13.68
CA ASN A 285 5.03 -14.51 -14.98
C ASN A 285 4.50 -13.06 -14.91
N PRO A 286 5.38 -12.05 -14.99
CA PRO A 286 5.06 -10.70 -14.52
C PRO A 286 4.37 -9.80 -15.54
N THR A 287 4.47 -10.11 -16.83
CA THR A 287 3.85 -9.30 -17.89
C THR A 287 2.96 -10.15 -18.79
N TYR A 288 2.10 -9.46 -19.54
CA TYR A 288 1.61 -9.88 -20.87
C TYR A 288 1.69 -8.74 -21.86
N VAL A 289 1.68 -9.11 -23.12
CA VAL A 289 1.76 -8.21 -24.30
C VAL A 289 0.36 -8.16 -24.90
N LYS A 290 -0.19 -6.97 -25.11
CA LYS A 290 -1.38 -6.73 -25.95
C LYS A 290 -1.02 -5.60 -26.91
N HIS A 291 -1.22 -5.81 -28.21
CA HIS A 291 -0.94 -4.81 -29.27
C HIS A 291 0.53 -4.37 -29.22
N GLY A 292 1.40 -5.28 -28.82
CA GLY A 292 2.87 -5.08 -28.88
C GLY A 292 3.42 -4.39 -27.64
N VAL A 293 2.54 -4.10 -26.68
CA VAL A 293 2.84 -3.24 -25.53
C VAL A 293 2.93 -4.16 -24.34
N VAL A 294 4.01 -4.03 -23.56
CA VAL A 294 4.22 -4.85 -22.36
C VAL A 294 3.43 -4.25 -21.20
N HIS A 295 2.66 -5.06 -20.51
CA HIS A 295 1.82 -4.67 -19.38
C HIS A 295 2.38 -5.34 -18.16
N TYR A 296 2.92 -4.58 -17.22
CA TYR A 296 3.42 -5.15 -15.97
C TYR A 296 2.20 -5.42 -15.10
N ALA A 297 1.97 -6.69 -14.78
CA ALA A 297 0.79 -7.07 -13.99
C ALA A 297 0.97 -7.50 -12.53
N VAL A 298 2.14 -7.35 -11.95
CA VAL A 298 2.34 -7.77 -10.57
C VAL A 298 1.79 -6.72 -9.60
N ALA A 299 0.98 -7.15 -8.64
CA ALA A 299 0.44 -6.25 -7.66
C ALA A 299 1.39 -6.16 -6.48
N ASN A 300 1.06 -5.31 -5.52
CA ASN A 300 1.89 -5.15 -4.33
C ASN A 300 3.37 -4.86 -4.60
N MET A 301 3.61 -3.84 -5.43
CA MET A 301 4.96 -3.39 -5.74
C MET A 301 5.79 -3.17 -4.47
N PRO A 302 5.24 -2.41 -3.50
CA PRO A 302 5.94 -2.19 -2.24
C PRO A 302 6.45 -3.48 -1.60
N GLY A 303 5.84 -4.61 -1.99
CA GLY A 303 6.17 -5.95 -1.50
C GLY A 303 7.54 -6.39 -1.97
N ALA A 304 8.02 -5.79 -3.06
CA ALA A 304 9.34 -6.05 -3.64
C ALA A 304 10.45 -5.32 -2.86
N VAL A 305 10.14 -4.41 -1.96
CA VAL A 305 11.15 -3.67 -1.14
C VAL A 305 10.64 -3.65 0.28
N PRO A 306 10.51 -4.87 0.84
CA PRO A 306 9.89 -5.07 2.13
C PRO A 306 10.51 -4.26 3.25
N ARG A 307 11.81 -4.05 3.19
CA ARG A 307 12.51 -3.33 4.28
C ARG A 307 12.13 -1.84 4.25
N THR A 308 12.17 -1.21 3.09
CA THR A 308 11.71 0.19 2.98
C THR A 308 10.24 0.26 3.40
N SER A 309 9.44 -0.65 2.84
CA SER A 309 7.96 -0.67 3.07
C SER A 309 7.67 -0.86 4.56
N THR A 310 8.38 -1.75 5.23
CA THR A 310 8.18 -1.98 6.69
C THR A 310 8.46 -0.70 7.46
N ILE A 311 9.58 -0.03 7.14
CA ILE A 311 10.03 1.14 7.96
C ILE A 311 9.04 2.26 7.70
N ALA A 312 8.69 2.47 6.43
CA ALA A 312 7.76 3.55 6.06
C ALA A 312 6.41 3.33 6.74
N LEU A 313 5.92 2.07 6.73
CA LEU A 313 4.65 1.74 7.42
C LEU A 313 4.80 1.97 8.92
N THR A 314 5.80 1.33 9.53
CA THR A 314 5.87 1.33 11.01
C THR A 314 6.17 2.71 11.56
N ASN A 315 6.72 3.59 10.72
CA ASN A 315 7.07 4.97 11.14
C ASN A 315 5.79 5.71 11.50
N VAL A 316 4.68 5.37 10.81
CA VAL A 316 3.36 6.02 11.05
C VAL A 316 2.37 5.10 11.80
N THR A 317 2.42 3.76 11.72
CA THR A 317 1.42 2.90 12.45
C THR A 317 1.68 2.96 13.96
N ILE A 318 2.92 2.93 14.40
CA ILE A 318 3.22 2.70 15.83
C ILE A 318 2.80 3.86 16.72
N PRO A 319 2.95 5.14 16.32
CA PRO A 319 2.46 6.25 17.16
C PRO A 319 0.95 6.16 17.43
N TYR A 320 0.18 5.58 16.51
CA TYR A 320 -1.28 5.28 16.69
C TYR A 320 -1.41 4.09 17.67
N ALA A 321 -0.76 2.98 17.37
CA ALA A 321 -0.73 1.80 18.26
C ALA A 321 -0.37 2.21 19.69
N LEU A 322 0.42 3.26 19.87
CA LEU A 322 1.01 3.61 21.19
C LEU A 322 -0.07 4.34 22.00
N GLN A 323 -0.91 5.13 21.35
CA GLN A 323 -2.10 5.73 21.99
C GLN A 323 -2.98 4.61 22.57
N ILE A 324 -3.17 3.51 21.83
CA ILE A 324 -4.04 2.39 22.26
C ILE A 324 -3.37 1.73 23.47
N ALA A 325 -2.08 1.40 23.37
CA ALA A 325 -1.33 0.82 24.50
C ALA A 325 -1.47 1.72 25.73
N ASN A 326 -1.40 3.03 25.60
CA ASN A 326 -1.29 3.89 26.81
C ASN A 326 -2.68 4.13 27.40
N LYS A 327 -3.72 4.21 26.58
CA LYS A 327 -5.05 4.73 26.98
C LYS A 327 -6.18 3.67 26.88
N GLY A 328 -5.91 2.51 26.27
CA GLY A 328 -6.91 1.49 25.89
C GLY A 328 -7.75 1.98 24.74
N VAL A 329 -8.38 1.08 23.98
CA VAL A 329 -9.05 1.46 22.72
C VAL A 329 -10.05 2.59 22.96
N MET A 330 -10.87 2.50 24.01
CA MET A 330 -12.02 3.43 24.17
C MET A 330 -11.48 4.87 24.26
N GLN A 331 -10.55 5.15 25.16
CA GLN A 331 -10.02 6.54 25.35
C GLN A 331 -9.30 6.98 24.06
N ALA A 332 -8.51 6.08 23.46
CA ALA A 332 -7.70 6.36 22.24
C ALA A 332 -8.64 6.87 21.15
N ILE A 333 -9.76 6.21 20.89
CA ILE A 333 -10.63 6.60 19.75
C ILE A 333 -11.48 7.81 20.14
N THR A 334 -11.64 8.10 21.44
CA THR A 334 -12.41 9.28 21.93
C THR A 334 -11.58 10.52 21.60
N ASP A 335 -10.34 10.48 22.10
CA ASP A 335 -9.24 11.48 21.94
C ASP A 335 -8.81 11.66 20.49
N ASN A 336 -9.00 10.69 19.60
CA ASN A 336 -8.38 10.72 18.26
C ASN A 336 -9.33 10.23 17.20
N PRO A 337 -10.07 11.17 16.57
CA PRO A 337 -11.09 10.84 15.55
C PRO A 337 -10.55 10.08 14.34
N ALA A 338 -9.26 10.24 14.07
CA ALA A 338 -8.59 9.61 12.92
C ALA A 338 -8.53 8.11 13.20
N LEU A 339 -8.04 7.75 14.39
CA LEU A 339 -8.00 6.36 14.91
C LEU A 339 -9.44 5.79 14.96
N GLU A 340 -10.40 6.53 15.52
CA GLU A 340 -11.84 6.14 15.56
C GLU A 340 -12.24 5.57 14.19
N LEU A 341 -11.99 6.28 13.10
CA LEU A 341 -12.41 5.82 11.74
C LEU A 341 -11.67 4.55 11.35
N GLY A 342 -10.61 4.19 12.06
CA GLY A 342 -9.91 2.91 11.88
C GLY A 342 -10.76 1.73 12.34
N VAL A 343 -11.48 1.85 13.46
CA VAL A 343 -12.26 0.71 14.05
C VAL A 343 -13.34 0.25 13.04
N ASN A 344 -13.19 -0.96 12.52
CA ASN A 344 -14.14 -1.50 11.52
C ASN A 344 -15.10 -2.48 12.20
N VAL A 345 -14.63 -3.15 13.25
CA VAL A 345 -15.34 -4.24 13.96
C VAL A 345 -15.00 -4.10 15.44
N ALA A 346 -16.03 -4.11 16.26
CA ALA A 346 -15.88 -4.17 17.72
C ALA A 346 -17.13 -4.84 18.31
N ASN A 347 -16.90 -5.87 19.14
CA ASN A 347 -17.85 -6.28 20.18
C ASN A 347 -19.19 -6.64 19.50
N GLY A 348 -19.13 -7.42 18.43
CA GLY A 348 -20.32 -7.91 17.75
C GLY A 348 -20.74 -7.06 16.58
N GLU A 349 -20.28 -5.81 16.46
CA GLU A 349 -20.87 -4.89 15.45
C GLU A 349 -19.87 -4.48 14.36
N ILE A 350 -20.38 -4.14 13.18
CA ILE A 350 -19.64 -3.48 12.09
C ILE A 350 -19.68 -1.98 12.39
N THR A 351 -18.53 -1.42 12.73
CA THR A 351 -18.38 -0.05 13.26
C THR A 351 -17.78 0.88 12.22
N TYR A 352 -17.90 0.61 10.92
CA TYR A 352 -17.44 1.53 9.88
C TYR A 352 -18.49 1.50 8.76
N GLU A 353 -19.08 2.67 8.51
CA GLU A 353 -20.35 2.82 7.78
C GLU A 353 -20.23 2.02 6.49
N ALA A 354 -19.23 2.32 5.68
CA ALA A 354 -19.18 1.87 4.27
C ALA A 354 -19.07 0.33 4.18
N VAL A 355 -18.53 -0.29 5.25
CA VAL A 355 -18.37 -1.77 5.35
C VAL A 355 -19.74 -2.37 5.63
N ALA A 356 -20.43 -1.82 6.63
CA ALA A 356 -21.83 -2.16 7.00
C ALA A 356 -22.71 -2.07 5.75
N ARG A 357 -22.75 -0.91 5.10
CA ARG A 357 -23.56 -0.66 3.87
C ARG A 357 -23.23 -1.70 2.81
N ASP A 358 -21.95 -1.90 2.46
CA ASP A 358 -21.51 -2.65 1.25
C ASP A 358 -21.82 -4.15 1.39
N LEU A 359 -21.88 -4.63 2.64
CA LEU A 359 -21.99 -6.05 3.03
C LEU A 359 -23.32 -6.34 3.74
N GLY A 360 -24.10 -5.33 4.15
CA GLY A 360 -25.51 -5.45 4.58
C GLY A 360 -25.69 -5.69 6.07
N TYR A 361 -24.90 -5.01 6.91
CA TYR A 361 -25.01 -5.05 8.38
C TYR A 361 -25.45 -3.67 8.86
N ARG A 362 -25.70 -3.53 10.16
CA ARG A 362 -26.22 -2.26 10.72
C ARG A 362 -25.00 -1.50 11.23
N TYR A 363 -24.73 -0.35 10.62
CA TYR A 363 -23.65 0.57 11.10
C TYR A 363 -23.93 0.84 12.59
N VAL A 364 -22.93 0.64 13.44
CA VAL A 364 -23.00 0.93 14.85
C VAL A 364 -21.71 1.66 15.17
N PRO A 365 -21.81 2.89 15.70
CA PRO A 365 -20.58 3.63 15.99
C PRO A 365 -19.68 2.90 16.98
N ALA A 366 -18.39 2.95 16.73
CA ALA A 366 -17.40 2.27 17.55
C ALA A 366 -17.49 2.56 19.05
N ARG A 367 -17.74 3.82 19.40
CA ARG A 367 -17.83 4.19 20.84
C ARG A 367 -19.04 3.46 21.45
N GLU A 368 -20.19 3.53 20.77
CA GLU A 368 -21.47 2.85 21.12
C GLU A 368 -21.16 1.35 21.17
N ALA A 369 -20.78 0.75 20.04
CA ALA A 369 -20.34 -0.66 19.99
C ALA A 369 -19.44 -1.05 21.18
N LEU A 370 -18.50 -0.24 21.64
CA LEU A 370 -17.59 -0.73 22.71
C LEU A 370 -18.20 -0.59 24.12
N GLY A 371 -19.39 -0.01 24.30
CA GLY A 371 -20.03 0.20 25.63
C GLY A 371 -20.60 -1.08 26.24
#